data_1HY2
#
_entry.id   1HY2
#
_cell.length_a   90.633
_cell.length_b   81.364
_cell.length_c   83.307
_cell.angle_alpha   90.00
_cell.angle_beta   105.04
_cell.angle_gamma   90.00
#
_symmetry.space_group_name_H-M   'C 1 2 1'
#
loop_
_entity.id
_entity.type
_entity.pdbx_description
1 polymer STREPTAVIDIN
2 polymer MP-1
3 water water
#
loop_
_entity_poly.entity_id
_entity_poly.type
_entity_poly.pdbx_seq_one_letter_code
_entity_poly.pdbx_strand_id
1 'polypeptide(L)'
;GAAEAGITGTWYNQLGSTFIVTAGADGALTGTYESAVGNAESRYVLTGRYDSAPATDGSGTALGWTVAWKNNYRNAHSAT
TWSGQYVGGAEARINTQWLLTSGTTEANAWKSTLVGHDTFTKVKPSAAS
;
A,B,C,D
2 'polypeptide(L)' CCHPQCGAAYSC E,F,G,H
#
# COMPACT_ATOMS: atom_id res chain seq x y z
N ALA A 3 -26.67 -3.68 0.90
CA ALA A 3 -27.30 -4.53 -0.15
C ALA A 3 -26.74 -5.94 -0.10
N GLU A 4 -27.10 -6.70 0.93
CA GLU A 4 -26.62 -8.08 1.05
C GLU A 4 -27.13 -8.83 -0.18
N ALA A 5 -28.23 -8.32 -0.73
CA ALA A 5 -28.84 -8.91 -1.93
C ALA A 5 -27.98 -8.55 -3.13
N GLY A 6 -27.13 -7.54 -2.95
CA GLY A 6 -26.25 -7.14 -4.02
C GLY A 6 -24.92 -7.88 -3.92
N ILE A 7 -24.42 -8.02 -2.69
CA ILE A 7 -23.14 -8.68 -2.44
C ILE A 7 -23.18 -10.21 -2.46
N THR A 8 -24.19 -10.81 -1.85
CA THR A 8 -24.29 -12.26 -1.81
C THR A 8 -24.27 -12.83 -3.23
N GLY A 9 -23.44 -13.85 -3.45
CA GLY A 9 -23.36 -14.46 -4.76
C GLY A 9 -21.94 -14.82 -5.18
N THR A 10 -21.79 -15.16 -6.45
CA THR A 10 -20.48 -15.55 -6.98
C THR A 10 -19.85 -14.40 -7.75
N TRP A 11 -18.57 -14.16 -7.47
CA TRP A 11 -17.83 -13.09 -8.14
C TRP A 11 -16.55 -13.64 -8.75
N TYR A 12 -16.04 -12.96 -9.77
CA TYR A 12 -14.82 -13.39 -10.46
C TYR A 12 -13.87 -12.21 -10.63
N ASN A 13 -12.57 -12.43 -10.43
CA ASN A 13 -11.61 -11.33 -10.61
C ASN A 13 -10.93 -11.47 -11.96
N GLN A 14 -10.05 -10.52 -12.28
CA GLN A 14 -9.34 -10.53 -13.56
C GLN A 14 -8.39 -11.70 -13.74
N LEU A 15 -8.06 -12.38 -12.66
CA LEU A 15 -7.15 -13.52 -12.72
C LEU A 15 -7.83 -14.88 -12.83
N GLY A 16 -9.16 -14.89 -12.80
CA GLY A 16 -9.88 -16.15 -12.91
C GLY A 16 -10.29 -16.78 -11.59
N SER A 17 -9.82 -16.23 -10.47
CA SER A 17 -10.20 -16.77 -9.18
C SER A 17 -11.69 -16.53 -8.97
N THR A 18 -12.31 -17.38 -8.16
CA THR A 18 -13.74 -17.27 -7.86
C THR A 18 -13.96 -16.97 -6.40
N PHE A 19 -14.76 -15.95 -6.13
CA PHE A 19 -15.08 -15.49 -4.80
C PHE A 19 -16.56 -15.77 -4.53
N ILE A 20 -16.83 -16.74 -3.65
CA ILE A 20 -18.20 -17.11 -3.31
C ILE A 20 -18.48 -16.57 -1.91
N VAL A 21 -19.41 -15.63 -1.82
CA VAL A 21 -19.71 -15.01 -0.53
C VAL A 21 -21.19 -14.81 -0.18
N THR A 22 -21.44 -14.74 1.13
CA THR A 22 -22.76 -14.52 1.67
C THR A 22 -22.67 -13.36 2.65
N ALA A 23 -23.53 -12.37 2.48
CA ALA A 23 -23.54 -11.18 3.33
C ALA A 23 -24.64 -11.30 4.37
N GLY A 24 -24.25 -11.41 5.65
CA GLY A 24 -25.23 -11.51 6.73
C GLY A 24 -25.86 -10.17 7.01
N ALA A 25 -27.07 -10.18 7.56
CA ALA A 25 -27.76 -8.93 7.85
C ALA A 25 -27.07 -8.14 8.95
N ASP A 26 -26.21 -8.81 9.69
CA ASP A 26 -25.49 -8.20 10.79
C ASP A 26 -24.19 -7.51 10.35
N GLY A 27 -23.83 -7.64 9.08
CA GLY A 27 -22.61 -7.02 8.60
C GLY A 27 -21.45 -7.99 8.45
N ALA A 28 -21.76 -9.28 8.54
CA ALA A 28 -20.72 -10.30 8.41
C ALA A 28 -20.61 -10.86 6.99
N LEU A 29 -19.41 -11.22 6.59
CA LEU A 29 -19.18 -11.82 5.28
C LEU A 29 -18.58 -13.21 5.52
N THR A 30 -19.14 -14.20 4.85
CA THR A 30 -18.68 -15.58 4.98
C THR A 30 -18.62 -16.20 3.60
N GLY A 31 -17.64 -17.05 3.36
CA GLY A 31 -17.56 -17.68 2.06
C GLY A 31 -16.34 -18.52 1.79
N THR A 32 -16.07 -18.71 0.50
CA THR A 32 -14.96 -19.50 0.03
C THR A 32 -14.25 -18.80 -1.12
N TYR A 33 -12.95 -19.01 -1.22
CA TYR A 33 -12.14 -18.42 -2.28
C TYR A 33 -11.46 -19.59 -2.97
N GLU A 34 -11.64 -19.71 -4.28
CA GLU A 34 -11.05 -20.83 -5.02
C GLU A 34 -10.57 -20.46 -6.42
N SER A 35 -9.96 -21.42 -7.10
CA SER A 35 -9.44 -21.19 -8.46
C SER A 35 -10.48 -21.54 -9.52
N ALA A 36 -10.09 -21.38 -10.78
CA ALA A 36 -10.97 -21.67 -11.91
C ALA A 36 -11.40 -23.14 -11.92
N VAL A 37 -10.43 -24.04 -11.75
CA VAL A 37 -10.71 -25.48 -11.73
C VAL A 37 -11.78 -25.80 -10.69
N GLY A 38 -11.72 -25.10 -9.56
CA GLY A 38 -12.69 -25.30 -8.51
C GLY A 38 -12.57 -26.61 -7.74
N ASN A 39 -11.36 -27.15 -7.63
CA ASN A 39 -11.17 -28.39 -6.90
C ASN A 39 -11.04 -28.13 -5.39
N ALA A 40 -11.47 -29.11 -4.59
CA ALA A 40 -11.42 -29.01 -3.14
C ALA A 40 -10.06 -28.59 -2.58
N GLU A 41 -8.99 -28.94 -3.27
CA GLU A 41 -7.65 -28.59 -2.81
C GLU A 41 -7.30 -27.13 -3.04
N SER A 42 -8.09 -26.44 -3.88
CA SER A 42 -7.82 -25.04 -4.15
C SER A 42 -8.83 -24.10 -3.48
N ARG A 43 -9.62 -24.63 -2.55
CA ARG A 43 -10.61 -23.81 -1.85
C ARG A 43 -10.10 -23.39 -0.48
N TYR A 44 -10.39 -22.15 -0.11
CA TYR A 44 -9.98 -21.61 1.17
C TYR A 44 -11.10 -20.79 1.81
N VAL A 45 -11.19 -20.87 3.13
CA VAL A 45 -12.21 -20.15 3.90
C VAL A 45 -11.90 -18.66 3.95
N LEU A 46 -12.96 -17.85 3.93
CA LEU A 46 -12.81 -16.41 4.02
C LEU A 46 -13.87 -15.88 4.99
N THR A 47 -13.51 -14.81 5.70
CA THR A 47 -14.44 -14.17 6.61
C THR A 47 -14.13 -12.68 6.55
N GLY A 48 -15.16 -11.86 6.69
CA GLY A 48 -14.96 -10.43 6.62
C GLY A 48 -16.14 -9.66 7.18
N ARG A 49 -16.17 -8.36 6.89
CA ARG A 49 -17.23 -7.49 7.39
C ARG A 49 -17.59 -6.46 6.32
N TYR A 50 -18.82 -5.93 6.38
CA TYR A 50 -19.23 -4.90 5.44
C TYR A 50 -20.21 -3.95 6.12
N ASP A 51 -20.29 -2.74 5.59
CA ASP A 51 -21.19 -1.70 6.11
C ASP A 51 -22.60 -2.11 5.69
N SER A 52 -23.38 -2.60 6.65
CA SER A 52 -24.74 -3.05 6.39
C SER A 52 -25.79 -1.94 6.33
N ALA A 53 -25.35 -0.69 6.43
CA ALA A 53 -26.26 0.45 6.36
C ALA A 53 -25.54 1.61 5.67
N PRO A 54 -25.16 1.41 4.39
CA PRO A 54 -24.47 2.44 3.61
C PRO A 54 -25.27 3.73 3.43
N ALA A 55 -24.57 4.78 3.02
CA ALA A 55 -25.18 6.08 2.78
C ALA A 55 -26.07 6.02 1.54
N THR A 56 -27.09 6.86 1.51
CA THR A 56 -28.02 6.91 0.37
C THR A 56 -27.69 8.10 -0.52
N ASP A 57 -26.42 8.49 -0.54
CA ASP A 57 -26.00 9.62 -1.34
C ASP A 57 -25.28 9.17 -2.61
N GLY A 58 -25.45 7.89 -2.95
CA GLY A 58 -24.82 7.35 -4.15
C GLY A 58 -23.44 6.75 -3.90
N SER A 59 -23.02 6.71 -2.63
CA SER A 59 -21.73 6.15 -2.28
C SER A 59 -21.67 4.63 -2.38
N GLY A 60 -20.46 4.09 -2.41
CA GLY A 60 -20.31 2.66 -2.48
C GLY A 60 -20.43 2.07 -1.09
N THR A 61 -20.42 0.75 -0.99
CA THR A 61 -20.53 0.06 0.30
C THR A 61 -19.14 -0.45 0.68
N ALA A 62 -18.59 0.05 1.78
CA ALA A 62 -17.27 -0.36 2.23
C ALA A 62 -17.27 -1.79 2.80
N LEU A 63 -16.19 -2.53 2.55
CA LEU A 63 -16.07 -3.89 3.03
C LEU A 63 -14.64 -4.40 3.01
N GLY A 64 -14.42 -5.55 3.63
CA GLY A 64 -13.10 -6.16 3.66
C GLY A 64 -13.18 -7.63 4.08
N TRP A 65 -12.24 -8.44 3.62
CA TRP A 65 -12.24 -9.84 4.02
C TRP A 65 -10.83 -10.40 4.04
N THR A 66 -10.68 -11.52 4.73
CA THR A 66 -9.37 -12.17 4.86
C THR A 66 -9.42 -13.64 4.46
N VAL A 67 -8.31 -14.10 3.89
CA VAL A 67 -8.13 -15.50 3.53
C VAL A 67 -6.74 -15.92 4.01
N ALA A 68 -6.67 -16.90 4.89
CA ALA A 68 -5.38 -17.42 5.34
C ALA A 68 -5.19 -18.58 4.36
N TRP A 69 -4.04 -18.62 3.69
CA TRP A 69 -3.80 -19.65 2.68
C TRP A 69 -3.46 -21.05 3.19
N LYS A 70 -4.33 -21.58 4.03
CA LYS A 70 -4.18 -22.92 4.55
C LYS A 70 -5.53 -23.63 4.51
N ASN A 71 -5.56 -24.82 3.93
CA ASN A 71 -6.78 -25.60 3.93
C ASN A 71 -6.35 -26.99 4.42
N ASN A 72 -7.18 -28.00 4.22
CA ASN A 72 -6.79 -29.32 4.71
C ASN A 72 -5.79 -30.07 3.86
N TYR A 73 -5.32 -29.44 2.79
CA TYR A 73 -4.36 -30.09 1.91
C TYR A 73 -3.07 -29.32 1.65
N ARG A 74 -3.13 -27.99 1.73
CA ARG A 74 -1.95 -27.17 1.47
C ARG A 74 -1.85 -26.02 2.48
N ASN A 75 -0.63 -25.52 2.70
CA ASN A 75 -0.42 -24.39 3.59
C ASN A 75 0.71 -23.50 3.07
N ALA A 76 0.34 -22.31 2.59
CA ALA A 76 1.31 -21.38 2.03
C ALA A 76 1.87 -20.40 3.06
N HIS A 77 1.53 -20.59 4.33
CA HIS A 77 2.02 -19.73 5.40
C HIS A 77 1.91 -18.25 5.04
N SER A 78 0.74 -17.85 4.57
CA SER A 78 0.51 -16.46 4.20
C SER A 78 -0.97 -16.16 4.33
N ALA A 79 -1.30 -14.88 4.33
CA ALA A 79 -2.70 -14.46 4.43
C ALA A 79 -2.86 -13.18 3.62
N THR A 80 -4.01 -13.07 2.96
CA THR A 80 -4.30 -11.89 2.15
C THR A 80 -5.55 -11.19 2.66
N THR A 81 -5.53 -9.85 2.64
CA THR A 81 -6.70 -9.09 3.04
C THR A 81 -7.05 -8.15 1.88
N TRP A 82 -8.34 -8.12 1.53
CA TRP A 82 -8.85 -7.27 0.46
C TRP A 82 -9.67 -6.18 1.13
N SER A 83 -9.47 -4.94 0.70
CA SER A 83 -10.21 -3.81 1.25
C SER A 83 -10.75 -3.03 0.07
N GLY A 84 -12.03 -2.69 0.10
CA GLY A 84 -12.59 -1.93 -1.00
C GLY A 84 -14.06 -1.60 -0.84
N GLN A 85 -14.74 -1.41 -1.95
CA GLN A 85 -16.15 -1.10 -1.86
C GLN A 85 -16.96 -1.76 -2.96
N TYR A 86 -18.21 -2.06 -2.63
CA TYR A 86 -19.14 -2.68 -3.57
C TYR A 86 -19.91 -1.56 -4.25
N VAL A 87 -20.00 -1.62 -5.57
CA VAL A 87 -20.74 -0.63 -6.34
C VAL A 87 -21.81 -1.33 -7.17
N GLY A 88 -23.08 -1.17 -6.76
CA GLY A 88 -24.17 -1.82 -7.47
C GLY A 88 -24.55 -1.22 -8.81
N GLY A 89 -25.69 -1.64 -9.35
CA GLY A 89 -26.14 -1.13 -10.64
C GLY A 89 -25.97 -2.10 -11.80
N ALA A 90 -26.16 -1.58 -13.01
CA ALA A 90 -26.05 -2.38 -14.23
C ALA A 90 -24.76 -3.18 -14.29
N GLU A 91 -23.64 -2.54 -14.00
CA GLU A 91 -22.34 -3.21 -14.04
C GLU A 91 -21.78 -3.27 -12.62
N ALA A 92 -22.45 -4.03 -11.76
CA ALA A 92 -22.04 -4.18 -10.37
C ALA A 92 -20.64 -4.76 -10.26
N ARG A 93 -19.89 -4.26 -9.30
CA ARG A 93 -18.54 -4.75 -9.08
C ARG A 93 -18.01 -4.37 -7.71
N ILE A 94 -16.91 -5.02 -7.34
CA ILE A 94 -16.26 -4.76 -6.08
C ILE A 94 -14.83 -4.36 -6.43
N ASN A 95 -14.47 -3.12 -6.13
CA ASN A 95 -13.15 -2.61 -6.42
C ASN A 95 -12.32 -2.76 -5.16
N THR A 96 -11.20 -3.48 -5.27
CA THR A 96 -10.36 -3.69 -4.10
C THR A 96 -8.87 -3.49 -4.32
N GLN A 97 -8.17 -3.38 -3.20
CA GLN A 97 -6.73 -3.29 -3.14
C GLN A 97 -6.44 -4.31 -2.06
N TRP A 98 -5.37 -5.07 -2.20
CA TRP A 98 -5.09 -6.11 -1.23
C TRP A 98 -3.66 -6.11 -0.72
N LEU A 99 -3.47 -6.77 0.42
CA LEU A 99 -2.17 -6.93 1.08
C LEU A 99 -1.93 -8.40 1.34
N LEU A 100 -0.84 -8.94 0.79
CA LEU A 100 -0.51 -10.34 0.99
C LEU A 100 0.73 -10.41 1.87
N THR A 101 0.55 -10.83 3.11
CA THR A 101 1.66 -10.95 4.06
C THR A 101 2.05 -12.40 4.21
N SER A 102 3.34 -12.65 4.14
CA SER A 102 3.85 -13.99 4.28
C SER A 102 4.61 -14.11 5.59
N GLY A 103 4.57 -15.28 6.21
CA GLY A 103 5.31 -15.43 7.46
C GLY A 103 6.78 -15.40 7.09
N THR A 104 7.57 -14.58 7.77
CA THR A 104 9.00 -14.50 7.47
C THR A 104 9.83 -14.41 8.75
N THR A 105 11.15 -14.55 8.60
CA THR A 105 12.07 -14.42 9.72
C THR A 105 12.28 -12.92 9.90
N GLU A 106 12.84 -12.51 11.03
CA GLU A 106 13.09 -11.10 11.29
C GLU A 106 13.94 -10.44 10.20
N ALA A 107 14.94 -11.17 9.71
CA ALA A 107 15.80 -10.65 8.67
C ALA A 107 15.02 -10.30 7.39
N ASN A 108 13.95 -11.05 7.11
CA ASN A 108 13.18 -10.83 5.90
C ASN A 108 11.84 -10.11 6.06
N ALA A 109 11.51 -9.69 7.29
CA ALA A 109 10.25 -9.01 7.55
C ALA A 109 10.08 -7.75 6.70
N TRP A 110 11.18 -7.12 6.31
CA TRP A 110 11.09 -5.90 5.51
C TRP A 110 10.40 -6.20 4.18
N LYS A 111 10.55 -7.42 3.69
CA LYS A 111 9.92 -7.81 2.42
C LYS A 111 8.81 -8.84 2.57
N SER A 112 8.05 -8.74 3.66
CA SER A 112 7.00 -9.73 3.89
C SER A 112 5.67 -9.43 3.22
N THR A 113 5.45 -8.19 2.79
CA THR A 113 4.15 -7.82 2.25
C THR A 113 4.04 -7.31 0.80
N LEU A 114 3.17 -7.95 0.02
CA LEU A 114 2.92 -7.57 -1.36
C LEU A 114 1.64 -6.74 -1.41
N VAL A 115 1.52 -5.83 -2.37
CA VAL A 115 0.32 -5.01 -2.50
C VAL A 115 -0.18 -5.07 -3.94
N GLY A 116 -1.49 -5.07 -4.10
CA GLY A 116 -2.05 -5.12 -5.43
C GLY A 116 -3.50 -4.68 -5.41
N HIS A 117 -4.16 -4.89 -6.54
CA HIS A 117 -5.57 -4.52 -6.65
C HIS A 117 -6.32 -5.55 -7.48
N ASP A 118 -7.57 -5.78 -7.13
CA ASP A 118 -8.44 -6.72 -7.85
C ASP A 118 -9.77 -6.04 -8.09
N THR A 119 -10.38 -6.33 -9.24
CA THR A 119 -11.69 -5.81 -9.57
C THR A 119 -12.56 -7.06 -9.76
N PHE A 120 -13.64 -7.18 -8.99
CA PHE A 120 -14.48 -8.36 -9.13
C PHE A 120 -15.78 -8.00 -9.85
N THR A 121 -16.22 -8.89 -10.73
CA THR A 121 -17.46 -8.68 -11.47
C THR A 121 -18.32 -9.94 -11.42
N LYS A 122 -19.58 -9.81 -11.82
CA LYS A 122 -20.50 -10.94 -11.80
C LYS A 122 -20.35 -11.94 -12.95
N VAL A 123 -19.62 -11.56 -13.98
CA VAL A 123 -19.40 -12.46 -15.12
C VAL A 123 -17.92 -12.66 -15.36
N LYS A 124 -17.54 -13.84 -15.86
CA LYS A 124 -16.15 -14.15 -16.13
C LYS A 124 -15.58 -13.15 -17.14
N PRO A 125 -14.33 -12.71 -16.94
CA PRO A 125 -13.66 -11.74 -17.83
C PRO A 125 -13.04 -12.34 -19.09
N ALA B 3 0.60 -20.99 17.32
CA ALA B 3 -0.28 -21.35 18.47
C ALA B 3 -1.34 -20.28 18.69
N GLU B 4 -2.58 -20.72 18.94
CA GLU B 4 -3.69 -19.81 19.19
C GLU B 4 -3.52 -19.21 20.58
N ALA B 5 -2.87 -19.97 21.46
CA ALA B 5 -2.61 -19.54 22.82
C ALA B 5 -1.82 -18.25 22.82
N GLY B 6 -0.77 -18.22 21.98
CA GLY B 6 0.07 -17.04 21.90
C GLY B 6 -0.66 -15.82 21.39
N ILE B 7 -1.55 -16.03 20.44
CA ILE B 7 -2.30 -14.92 19.84
C ILE B 7 -3.50 -14.48 20.69
N THR B 8 -4.20 -15.45 21.25
CA THR B 8 -5.36 -15.15 22.08
C THR B 8 -4.97 -14.21 23.21
N GLY B 9 -5.74 -13.16 23.39
CA GLY B 9 -5.44 -12.21 24.45
C GLY B 9 -5.71 -10.78 24.06
N THR B 10 -5.24 -9.86 24.91
CA THR B 10 -5.43 -8.42 24.70
C THR B 10 -4.18 -7.79 24.07
N TRP B 11 -4.37 -7.04 22.99
CA TRP B 11 -3.25 -6.38 22.31
C TRP B 11 -3.46 -4.87 22.26
N TYR B 12 -2.37 -4.12 22.37
CA TYR B 12 -2.43 -2.66 22.36
C TYR B 12 -1.54 -2.09 21.27
N ASN B 13 -1.97 -0.98 20.65
CA ASN B 13 -1.12 -0.39 19.62
C ASN B 13 -0.50 0.89 20.14
N GLN B 14 0.37 1.48 19.33
CA GLN B 14 1.07 2.71 19.68
C GLN B 14 0.15 3.90 19.92
N LEU B 15 -1.07 3.84 19.38
CA LEU B 15 -2.00 4.96 19.52
C LEU B 15 -3.05 4.87 20.61
N GLY B 16 -3.03 3.83 21.43
CA GLY B 16 -4.01 3.70 22.49
C GLY B 16 -5.14 2.72 22.23
N SER B 17 -5.35 2.33 20.98
CA SER B 17 -6.40 1.38 20.65
C SER B 17 -6.10 0.02 21.30
N THR B 18 -7.15 -0.77 21.49
CA THR B 18 -7.03 -2.08 22.11
C THR B 18 -7.95 -3.09 21.43
N PHE B 19 -7.48 -4.30 21.22
CA PHE B 19 -8.35 -5.32 20.67
C PHE B 19 -8.18 -6.65 21.38
N ILE B 20 -9.31 -7.27 21.67
CA ILE B 20 -9.34 -8.55 22.37
C ILE B 20 -9.71 -9.61 21.35
N VAL B 21 -8.83 -10.57 21.15
CA VAL B 21 -9.09 -11.60 20.16
C VAL B 21 -8.94 -13.04 20.66
N THR B 22 -9.71 -13.93 20.03
CA THR B 22 -9.67 -15.34 20.35
C THR B 22 -9.30 -16.06 19.06
N ALA B 23 -8.22 -16.83 19.12
CA ALA B 23 -7.74 -17.59 17.96
C ALA B 23 -8.26 -19.01 18.03
N GLY B 24 -9.18 -19.35 17.12
CA GLY B 24 -9.75 -20.68 17.09
C GLY B 24 -8.79 -21.73 16.57
N ALA B 25 -9.08 -22.99 16.85
CA ALA B 25 -8.21 -24.09 16.41
C ALA B 25 -8.30 -24.31 14.90
N ASP B 26 -9.35 -23.80 14.28
CA ASP B 26 -9.55 -23.96 12.85
C ASP B 26 -8.89 -22.86 12.00
N GLY B 27 -8.43 -21.80 12.66
CA GLY B 27 -7.78 -20.71 11.93
C GLY B 27 -8.57 -19.41 11.98
N ALA B 28 -9.65 -19.41 12.75
CA ALA B 28 -10.49 -18.24 12.88
C ALA B 28 -10.04 -17.26 13.96
N LEU B 29 -10.26 -15.99 13.69
CA LEU B 29 -9.95 -14.92 14.63
C LEU B 29 -11.28 -14.21 14.85
N THR B 30 -11.68 -14.06 16.10
CA THR B 30 -12.93 -13.38 16.42
C THR B 30 -12.69 -12.52 17.64
N GLY B 31 -13.30 -11.34 17.67
CA GLY B 31 -13.10 -10.48 18.82
C GLY B 31 -13.67 -9.08 18.68
N THR B 32 -13.04 -8.15 19.38
CA THR B 32 -13.47 -6.77 19.39
C THR B 32 -12.31 -5.79 19.37
N TYR B 33 -12.53 -4.68 18.69
CA TYR B 33 -11.56 -3.61 18.58
C TYR B 33 -12.22 -2.44 19.29
N GLU B 34 -11.51 -1.81 20.22
CA GLU B 34 -12.07 -0.69 20.99
C GLU B 34 -11.01 0.32 21.41
N SER B 35 -11.44 1.47 21.89
CA SER B 35 -10.51 2.52 22.31
C SER B 35 -10.01 2.27 23.73
N ALA B 36 -9.06 3.09 24.16
CA ALA B 36 -8.50 2.98 25.50
C ALA B 36 -9.60 3.14 26.53
N VAL B 37 -10.40 4.20 26.40
CA VAL B 37 -11.48 4.45 27.35
C VAL B 37 -12.33 3.19 27.51
N GLY B 38 -12.51 2.44 26.44
CA GLY B 38 -13.27 1.20 26.49
C GLY B 38 -14.79 1.27 26.55
N ASN B 39 -15.38 2.43 26.27
CA ASN B 39 -16.83 2.57 26.30
C ASN B 39 -17.52 1.74 25.23
N ALA B 40 -18.69 1.20 25.57
CA ALA B 40 -19.47 0.37 24.65
C ALA B 40 -19.69 1.02 23.30
N GLU B 41 -19.67 2.34 23.27
CA GLU B 41 -19.87 3.10 22.04
C GLU B 41 -18.65 3.04 21.12
N SER B 42 -17.52 2.58 21.66
CA SER B 42 -16.29 2.51 20.87
C SER B 42 -15.87 1.07 20.52
N ARG B 43 -16.77 0.12 20.74
CA ARG B 43 -16.49 -1.28 20.46
C ARG B 43 -17.02 -1.70 19.09
N TYR B 44 -16.16 -2.37 18.32
CA TYR B 44 -16.54 -2.86 17.00
C TYR B 44 -16.12 -4.32 16.83
N VAL B 45 -16.93 -5.08 16.12
CA VAL B 45 -16.65 -6.49 15.90
C VAL B 45 -15.48 -6.68 14.92
N LEU B 46 -14.66 -7.69 15.18
CA LEU B 46 -13.56 -7.96 14.26
C LEU B 46 -13.59 -9.44 13.90
N THR B 47 -13.25 -9.75 12.67
CA THR B 47 -13.21 -11.13 12.24
C THR B 47 -12.03 -11.27 11.30
N GLY B 48 -11.33 -12.39 11.39
CA GLY B 48 -10.17 -12.60 10.54
C GLY B 48 -9.75 -14.06 10.50
N ARG B 49 -8.58 -14.31 9.92
CA ARG B 49 -8.03 -15.65 9.79
C ARG B 49 -6.53 -15.62 10.07
N TYR B 50 -5.97 -16.77 10.44
CA TYR B 50 -4.54 -16.86 10.69
C TYR B 50 -4.04 -18.26 10.35
N ASP B 51 -2.73 -18.38 10.11
CA ASP B 51 -2.11 -19.65 9.79
C ASP B 51 -2.02 -20.45 11.09
N SER B 52 -2.89 -21.46 11.23
CA SER B 52 -2.95 -22.28 12.43
C SER B 52 -1.89 -23.38 12.52
N ALA B 53 -1.05 -23.51 11.51
CA ALA B 53 0.01 -24.51 11.52
C ALA B 53 1.25 -23.90 10.89
N PRO B 54 1.80 -22.86 11.53
CA PRO B 54 3.00 -22.17 11.04
C PRO B 54 4.24 -23.06 10.89
N ALA B 55 5.22 -22.56 10.14
CA ALA B 55 6.46 -23.29 9.92
C ALA B 55 7.30 -23.24 11.19
N THR B 56 8.26 -24.15 11.30
CA THR B 56 9.15 -24.19 12.45
C THR B 56 10.56 -23.73 12.09
N ASP B 57 10.63 -22.84 11.10
CA ASP B 57 11.92 -22.32 10.65
C ASP B 57 12.19 -20.88 11.11
N GLY B 58 11.54 -20.46 12.19
CA GLY B 58 11.74 -19.12 12.69
C GLY B 58 10.84 -18.07 12.07
N SER B 59 9.98 -18.49 11.14
CA SER B 59 9.05 -17.58 10.46
C SER B 59 7.91 -17.13 11.38
N GLY B 60 7.40 -15.94 11.15
CA GLY B 60 6.30 -15.46 11.95
C GLY B 60 5.04 -16.18 11.52
N THR B 61 3.92 -15.92 12.20
CA THR B 61 2.64 -16.53 11.88
C THR B 61 1.75 -15.52 11.15
N ALA B 62 1.44 -15.80 9.88
CA ALA B 62 0.62 -14.88 9.08
C ALA B 62 -0.86 -14.81 9.50
N LEU B 63 -1.43 -13.62 9.40
CA LEU B 63 -2.83 -13.43 9.75
C LEU B 63 -3.33 -12.11 9.20
N GLY B 64 -4.61 -11.86 9.42
CA GLY B 64 -5.24 -10.65 8.94
C GLY B 64 -6.64 -10.60 9.52
N TRP B 65 -7.21 -9.41 9.63
CA TRP B 65 -8.56 -9.29 10.13
C TRP B 65 -9.21 -8.03 9.59
N THR B 66 -10.53 -7.97 9.70
CA THR B 66 -11.29 -6.82 9.22
C THR B 66 -12.21 -6.27 10.28
N VAL B 67 -12.41 -4.95 10.25
CA VAL B 67 -13.33 -4.27 11.15
C VAL B 67 -14.09 -3.28 10.28
N ALA B 68 -15.41 -3.42 10.20
CA ALA B 68 -16.24 -2.47 9.46
C ALA B 68 -16.63 -1.51 10.59
N TRP B 69 -16.42 -0.21 10.38
CA TRP B 69 -16.69 0.78 11.42
C TRP B 69 -18.15 1.17 11.67
N LYS B 70 -18.94 0.17 12.04
CA LYS B 70 -20.35 0.36 12.35
C LYS B 70 -20.72 -0.52 13.53
N ASN B 71 -21.37 0.07 14.54
CA ASN B 71 -21.84 -0.69 15.70
C ASN B 71 -23.23 -0.16 16.01
N ASN B 72 -23.78 -0.45 17.19
CA ASN B 72 -25.13 0.02 17.50
C ASN B 72 -25.25 1.51 17.78
N TYR B 73 -24.11 2.20 17.85
CA TYR B 73 -24.15 3.64 18.14
C TYR B 73 -23.63 4.54 17.03
N ARG B 74 -22.78 4.01 16.16
CA ARG B 74 -22.20 4.85 15.11
C ARG B 74 -21.87 4.12 13.81
N ASN B 75 -21.77 4.89 12.73
CA ASN B 75 -21.41 4.32 11.42
C ASN B 75 -20.55 5.30 10.65
N ALA B 76 -19.32 4.91 10.38
CA ALA B 76 -18.39 5.77 9.65
C ALA B 76 -18.33 5.41 8.17
N HIS B 77 -19.18 4.47 7.74
CA HIS B 77 -19.22 4.04 6.35
C HIS B 77 -17.80 3.78 5.83
N SER B 78 -17.08 2.93 6.54
CA SER B 78 -15.73 2.59 6.16
C SER B 78 -15.34 1.28 6.80
N ALA B 79 -14.26 0.69 6.31
CA ALA B 79 -13.80 -0.59 6.83
C ALA B 79 -12.29 -0.64 6.70
N THR B 80 -11.64 -1.24 7.69
CA THR B 80 -10.18 -1.36 7.71
C THR B 80 -9.76 -2.81 7.76
N THR B 81 -8.73 -3.15 7.00
CA THR B 81 -8.19 -4.50 7.02
C THR B 81 -6.72 -4.40 7.44
N TRP B 82 -6.31 -5.25 8.37
CA TRP B 82 -4.94 -5.31 8.84
C TRP B 82 -4.36 -6.61 8.32
N SER B 83 -3.15 -6.56 7.78
CA SER B 83 -2.48 -7.75 7.27
C SER B 83 -1.09 -7.77 7.90
N GLY B 84 -0.69 -8.90 8.46
CA GLY B 84 0.63 -8.95 9.06
C GLY B 84 1.01 -10.30 9.63
N GLN B 85 1.88 -10.29 10.63
CA GLN B 85 2.28 -11.54 11.23
C GLN B 85 2.56 -11.43 12.72
N TYR B 86 2.30 -12.52 13.43
CA TYR B 86 2.52 -12.59 14.87
C TYR B 86 3.91 -13.15 15.12
N VAL B 87 4.68 -12.49 15.96
CA VAL B 87 6.02 -12.94 16.30
C VAL B 87 6.02 -13.17 17.81
N GLY B 88 6.13 -14.43 18.21
CA GLY B 88 6.12 -14.76 19.63
C GLY B 88 7.45 -14.60 20.33
N GLY B 89 7.46 -14.87 21.62
CA GLY B 89 8.69 -14.75 22.38
C GLY B 89 8.60 -13.85 23.59
N ALA B 90 9.75 -13.50 24.14
CA ALA B 90 9.82 -12.65 25.31
C ALA B 90 8.87 -11.46 25.22
N GLU B 91 9.00 -10.68 24.14
CA GLU B 91 8.17 -9.51 23.91
C GLU B 91 7.39 -9.72 22.61
N ALA B 92 6.44 -10.64 22.64
CA ALA B 92 5.64 -10.94 21.46
C ALA B 92 5.02 -9.68 20.87
N ARG B 93 4.72 -9.74 19.58
CA ARG B 93 4.09 -8.61 18.91
C ARG B 93 3.48 -8.99 17.59
N ILE B 94 2.61 -8.11 17.10
CA ILE B 94 1.95 -8.32 15.82
C ILE B 94 2.29 -7.09 14.99
N ASN B 95 3.00 -7.32 13.89
CA ASN B 95 3.42 -6.24 13.01
C ASN B 95 2.45 -6.25 11.83
N THR B 96 1.82 -5.10 11.58
CA THR B 96 0.85 -5.01 10.51
C THR B 96 0.93 -3.78 9.63
N GLN B 97 0.20 -3.87 8.53
CA GLN B 97 0.05 -2.79 7.58
C GLN B 97 -1.45 -2.86 7.32
N TRP B 98 -2.10 -1.72 7.20
CA TRP B 98 -3.53 -1.73 7.01
C TRP B 98 -4.03 -0.87 5.86
N LEU B 99 -5.25 -1.17 5.42
CA LEU B 99 -5.90 -0.44 4.34
C LEU B 99 -7.28 -0.01 4.85
N LEU B 100 -7.54 1.28 4.85
CA LEU B 100 -8.82 1.82 5.30
C LEU B 100 -9.57 2.38 4.10
N THR B 101 -10.67 1.73 3.73
CA THR B 101 -11.46 2.19 2.60
C THR B 101 -12.79 2.79 3.05
N SER B 102 -13.13 3.94 2.47
CA SER B 102 -14.39 4.62 2.78
C SER B 102 -15.31 4.48 1.58
N GLY B 103 -16.61 4.40 1.83
CA GLY B 103 -17.54 4.30 0.73
C GLY B 103 -17.56 5.67 0.07
N THR B 104 -17.42 5.72 -1.25
CA THR B 104 -17.40 7.00 -1.96
C THR B 104 -18.19 6.94 -3.27
N THR B 105 -18.39 8.09 -3.88
CA THR B 105 -19.07 8.18 -5.17
C THR B 105 -17.99 7.76 -6.18
N GLU B 106 -18.38 7.52 -7.43
CA GLU B 106 -17.40 7.12 -8.45
C GLU B 106 -16.35 8.21 -8.58
N ALA B 107 -16.82 9.45 -8.62
CA ALA B 107 -15.94 10.61 -8.76
C ALA B 107 -14.79 10.67 -7.76
N ASN B 108 -15.04 10.24 -6.53
CA ASN B 108 -14.00 10.28 -5.50
C ASN B 108 -13.37 8.92 -5.16
N ALA B 109 -13.61 7.93 -6.01
CA ALA B 109 -13.07 6.58 -5.81
C ALA B 109 -11.56 6.50 -5.75
N TRP B 110 -10.88 7.41 -6.45
CA TRP B 110 -9.41 7.40 -6.48
C TRP B 110 -8.78 7.72 -5.13
N LYS B 111 -9.50 8.44 -4.28
CA LYS B 111 -9.00 8.81 -2.95
C LYS B 111 -9.78 8.08 -1.85
N SER B 112 -10.26 6.88 -2.17
CA SER B 112 -11.04 6.10 -1.22
C SER B 112 -10.26 5.29 -0.18
N THR B 113 -8.98 5.07 -0.41
CA THR B 113 -8.21 4.22 0.49
C THR B 113 -6.93 4.78 1.11
N LEU B 114 -6.84 4.71 2.45
CA LEU B 114 -5.66 5.17 3.18
C LEU B 114 -4.80 3.96 3.53
N VAL B 115 -3.50 4.15 3.68
CA VAL B 115 -2.61 3.04 4.04
C VAL B 115 -1.71 3.44 5.20
N GLY B 116 -1.46 2.49 6.09
CA GLY B 116 -0.61 2.76 7.22
C GLY B 116 -0.08 1.48 7.85
N HIS B 117 0.47 1.60 9.04
CA HIS B 117 1.01 0.42 9.73
C HIS B 117 0.78 0.56 11.23
N ASP B 118 0.66 -0.58 11.90
CA ASP B 118 0.44 -0.63 13.35
C ASP B 118 1.25 -1.78 13.91
N THR B 119 1.84 -1.58 15.08
CA THR B 119 2.57 -2.64 15.76
C THR B 119 1.84 -2.82 17.09
N PHE B 120 1.39 -4.04 17.36
CA PHE B 120 0.67 -4.33 18.60
C PHE B 120 1.53 -5.16 19.55
N THR B 121 1.33 -4.95 20.86
CA THR B 121 2.08 -5.69 21.88
C THR B 121 1.13 -6.09 23.00
N LYS B 122 1.56 -7.03 23.85
CA LYS B 122 0.73 -7.47 24.95
C LYS B 122 0.97 -6.60 26.20
N VAL B 123 1.88 -5.64 26.08
CA VAL B 123 2.21 -4.74 27.18
C VAL B 123 1.69 -3.33 26.87
N LYS B 124 0.86 -2.81 27.76
CA LYS B 124 0.27 -1.48 27.62
C LYS B 124 1.37 -0.42 27.45
N PRO B 125 1.60 0.04 26.20
CA PRO B 125 2.64 1.04 25.93
C PRO B 125 2.18 2.49 26.10
N ALA C 3 15.27 0.42 -22.60
CA ALA C 3 15.03 1.21 -23.84
C ALA C 3 14.33 2.53 -23.52
N GLU C 4 15.10 3.61 -23.51
CA GLU C 4 14.57 4.94 -23.24
C GLU C 4 13.69 5.34 -24.41
N ALA C 5 13.93 4.68 -25.54
CA ALA C 5 13.17 4.93 -26.76
C ALA C 5 11.71 4.58 -26.53
N GLY C 6 11.48 3.49 -25.81
CA GLY C 6 10.12 3.05 -25.54
C GLY C 6 9.39 3.90 -24.50
N ILE C 7 10.11 4.35 -23.48
CA ILE C 7 9.49 5.14 -22.42
C ILE C 7 9.26 6.62 -22.75
N THR C 8 10.27 7.26 -23.33
CA THR C 8 10.15 8.67 -23.67
C THR C 8 8.88 8.91 -24.48
N GLY C 9 8.14 9.96 -24.12
CA GLY C 9 6.93 10.26 -24.85
C GLY C 9 5.77 10.75 -24.01
N THR C 10 4.57 10.70 -24.60
CA THR C 10 3.36 11.14 -23.92
C THR C 10 2.54 9.94 -23.47
N TRP C 11 2.12 9.96 -22.22
CA TRP C 11 1.33 8.88 -21.64
C TRP C 11 0.04 9.43 -21.03
N TYR C 12 -1.04 8.67 -21.16
CA TYR C 12 -2.34 9.08 -20.64
C TYR C 12 -2.89 8.00 -19.72
N ASN C 13 -3.53 8.40 -18.61
CA ASN C 13 -4.07 7.41 -17.70
C ASN C 13 -5.58 7.34 -17.84
N GLN C 14 -6.24 6.63 -16.93
CA GLN C 14 -7.69 6.48 -16.96
C GLN C 14 -8.43 7.73 -16.47
N LEU C 15 -7.88 8.39 -15.45
CA LEU C 15 -8.50 9.59 -14.89
C LEU C 15 -8.46 10.80 -15.82
N GLY C 16 -7.76 10.69 -16.94
CA GLY C 16 -7.69 11.79 -17.87
C GLY C 16 -6.43 12.64 -17.74
N SER C 17 -5.53 12.27 -16.83
CA SER C 17 -4.29 13.01 -16.64
C SER C 17 -3.30 12.67 -17.75
N THR C 18 -2.31 13.54 -17.93
CA THR C 18 -1.30 13.38 -18.98
C THR C 18 0.09 13.67 -18.44
N PHE C 19 1.10 12.96 -18.93
CA PHE C 19 2.46 13.24 -18.52
C PHE C 19 3.45 12.96 -19.64
N ILE C 20 4.33 13.93 -19.87
CA ILE C 20 5.33 13.84 -20.91
C ILE C 20 6.67 13.61 -20.21
N VAL C 21 7.34 12.54 -20.58
CA VAL C 21 8.59 12.21 -19.94
C VAL C 21 9.72 11.91 -20.92
N THR C 22 10.94 12.13 -20.46
CA THR C 22 12.14 11.85 -21.25
C THR C 22 12.97 10.90 -20.39
N ALA C 23 13.38 9.79 -20.98
CA ALA C 23 14.20 8.81 -20.29
C ALA C 23 15.64 8.96 -20.72
N GLY C 24 16.49 9.45 -19.83
CA GLY C 24 17.89 9.64 -20.15
C GLY C 24 18.62 8.31 -20.22
N ALA C 25 19.71 8.27 -20.99
CA ALA C 25 20.48 7.05 -21.13
C ALA C 25 21.10 6.63 -19.79
N ASP C 26 21.09 7.54 -18.83
CA ASP C 26 21.67 7.27 -17.51
C ASP C 26 20.68 6.74 -16.48
N GLY C 27 19.41 6.62 -16.86
CA GLY C 27 18.43 6.10 -15.93
C GLY C 27 17.55 7.14 -15.28
N ALA C 28 17.68 8.40 -15.67
CA ALA C 28 16.86 9.46 -15.09
C ALA C 28 15.58 9.69 -15.87
N LEU C 29 14.53 10.11 -15.16
CA LEU C 29 13.26 10.42 -15.78
C LEU C 29 13.00 11.86 -15.45
N THR C 30 12.62 12.64 -16.45
CA THR C 30 12.34 14.05 -16.25
C THR C 30 11.17 14.44 -17.13
N GLY C 31 10.34 15.36 -16.64
CA GLY C 31 9.20 15.77 -17.42
C GLY C 31 8.18 16.59 -16.67
N THR C 32 6.94 16.52 -17.14
CA THR C 32 5.84 17.27 -16.55
C THR C 32 4.59 16.42 -16.47
N TYR C 33 3.78 16.66 -15.45
CA TYR C 33 2.54 15.95 -15.23
C TYR C 33 1.42 16.99 -15.29
N GLU C 34 0.44 16.75 -16.15
CA GLU C 34 -0.68 17.70 -16.31
C GLU C 34 -2.04 17.05 -16.42
N SER C 35 -3.07 17.88 -16.55
CA SER C 35 -4.45 17.42 -16.66
C SER C 35 -4.85 17.24 -18.13
N ALA C 36 -6.14 17.06 -18.36
CA ALA C 36 -6.65 16.88 -19.71
C ALA C 36 -6.26 18.06 -20.60
N VAL C 37 -6.88 19.21 -20.36
CA VAL C 37 -6.61 20.40 -21.16
C VAL C 37 -5.13 20.71 -21.26
N GLY C 38 -4.41 20.52 -20.16
CA GLY C 38 -2.98 20.79 -20.16
C GLY C 38 -2.67 22.26 -20.28
N ASN C 39 -2.91 23.01 -19.20
CA ASN C 39 -2.63 24.45 -19.17
C ASN C 39 -1.68 24.73 -18.01
N ALA C 40 -0.82 25.74 -18.19
CA ALA C 40 0.17 26.13 -17.19
C ALA C 40 -0.24 25.94 -15.73
N GLU C 41 -1.53 26.07 -15.43
CA GLU C 41 -2.02 25.94 -14.05
C GLU C 41 -2.01 24.53 -13.50
N SER C 42 -2.21 23.55 -14.36
CA SER C 42 -2.25 22.16 -13.92
C SER C 42 -0.98 21.38 -14.23
N ARG C 43 0.08 22.07 -14.64
CA ARG C 43 1.32 21.38 -14.95
C ARG C 43 2.26 21.36 -13.74
N TYR C 44 2.84 20.21 -13.47
CA TYR C 44 3.76 20.05 -12.35
C TYR C 44 5.01 19.28 -12.77
N VAL C 45 6.14 19.67 -12.21
CA VAL C 45 7.42 19.03 -12.49
C VAL C 45 7.49 17.61 -11.94
N LEU C 46 8.07 16.69 -12.70
CA LEU C 46 8.20 15.32 -12.23
C LEU C 46 9.63 14.84 -12.41
N THR C 47 10.10 14.03 -11.47
CA THR C 47 11.45 13.51 -11.55
C THR C 47 11.45 12.06 -11.03
N GLY C 48 12.24 11.21 -11.65
CA GLY C 48 12.30 9.82 -11.22
C GLY C 48 13.48 9.05 -11.81
N ARG C 49 13.43 7.74 -11.66
CA ARG C 49 14.50 6.86 -12.14
C ARG C 49 13.92 5.58 -12.76
N TYR C 50 14.68 4.94 -13.64
CA TYR C 50 14.24 3.69 -14.25
C TYR C 50 15.40 2.76 -14.56
N ASP C 51 15.11 1.48 -14.72
CA ASP C 51 16.13 0.48 -15.03
C ASP C 51 16.55 0.67 -16.48
N SER C 52 17.71 1.28 -16.70
CA SER C 52 18.20 1.56 -18.05
C SER C 52 18.76 0.36 -18.80
N ALA C 53 18.89 -0.78 -18.13
CA ALA C 53 19.41 -2.00 -18.76
C ALA C 53 18.58 -3.16 -18.24
N PRO C 54 17.31 -3.24 -18.65
CA PRO C 54 16.38 -4.29 -18.24
C PRO C 54 16.73 -5.69 -18.73
N ALA C 55 16.10 -6.69 -18.12
CA ALA C 55 16.32 -8.08 -18.51
C ALA C 55 15.71 -8.26 -19.88
N THR C 56 16.37 -9.00 -20.75
CA THR C 56 15.88 -9.24 -22.11
C THR C 56 15.17 -10.60 -22.19
N ASP C 57 14.43 -10.94 -21.15
CA ASP C 57 13.71 -12.21 -21.10
C ASP C 57 12.20 -12.00 -21.15
N GLY C 58 11.78 -10.81 -21.57
CA GLY C 58 10.36 -10.52 -21.63
C GLY C 58 9.81 -9.81 -20.40
N SER C 59 10.65 -9.60 -19.40
CA SER C 59 10.23 -8.92 -18.18
C SER C 59 10.01 -7.42 -18.45
N GLY C 60 9.24 -6.78 -17.58
CA GLY C 60 8.98 -5.36 -17.76
C GLY C 60 10.17 -4.52 -17.29
N THR C 61 10.07 -3.21 -17.51
CA THR C 61 11.12 -2.29 -17.10
C THR C 61 10.66 -1.54 -15.86
N ALA C 62 11.37 -1.74 -14.75
CA ALA C 62 11.03 -1.09 -13.48
C ALA C 62 11.34 0.40 -13.49
N LEU C 63 10.44 1.18 -12.88
CA LEU C 63 10.63 2.63 -12.82
C LEU C 63 9.77 3.25 -11.74
N GLY C 64 9.97 4.54 -11.51
CA GLY C 64 9.20 5.26 -10.52
C GLY C 64 9.51 6.73 -10.63
N TRP C 65 8.58 7.57 -10.18
CA TRP C 65 8.80 9.00 -10.21
C TRP C 65 7.99 9.68 -9.13
N THR C 66 8.31 10.95 -8.89
CA THR C 66 7.64 11.75 -7.87
C THR C 66 7.16 13.08 -8.42
N VAL C 67 6.03 13.53 -7.90
CA VAL C 67 5.45 14.81 -8.24
C VAL C 67 5.03 15.49 -6.93
N ALA C 68 5.61 16.66 -6.64
CA ALA C 68 5.21 17.43 -5.45
C ALA C 68 4.20 18.42 -6.04
N TRP C 69 3.00 18.46 -5.47
CA TRP C 69 1.93 19.30 -6.02
C TRP C 69 1.99 20.80 -5.75
N LYS C 70 3.07 21.40 -6.23
CA LYS C 70 3.30 22.83 -6.09
C LYS C 70 3.90 23.38 -7.38
N ASN C 71 3.31 24.45 -7.89
CA ASN C 71 3.81 25.11 -9.08
C ASN C 71 3.58 26.60 -8.84
N ASN C 72 3.76 27.43 -9.86
CA ASN C 72 3.58 28.86 -9.66
C ASN C 72 2.15 29.33 -9.44
N TYR C 73 1.18 28.43 -9.56
CA TYR C 73 -0.21 28.84 -9.37
C TYR C 73 -0.89 28.27 -8.15
N ARG C 74 -0.46 27.08 -7.72
CA ARG C 74 -1.07 26.45 -6.57
C ARG C 74 -0.08 25.59 -5.79
N ASN C 75 -0.49 25.19 -4.58
CA ASN C 75 0.32 24.33 -3.73
C ASN C 75 -0.63 23.52 -2.87
N ALA C 76 -0.70 22.21 -3.12
CA ALA C 76 -1.57 21.33 -2.38
C ALA C 76 -0.86 20.73 -1.16
N HIS C 77 0.38 21.14 -0.93
CA HIS C 77 1.16 20.63 0.20
C HIS C 77 1.04 19.11 0.28
N SER C 78 1.50 18.44 -0.77
CA SER C 78 1.43 16.99 -0.81
C SER C 78 2.30 16.52 -1.95
N ALA C 79 2.61 15.23 -1.95
CA ALA C 79 3.45 14.66 -2.98
C ALA C 79 2.98 13.24 -3.26
N THR C 80 3.07 12.85 -4.53
CA THR C 80 2.66 11.52 -4.95
C THR C 80 3.82 10.82 -5.59
N THR C 81 4.01 9.53 -5.27
CA THR C 81 5.05 8.76 -5.92
C THR C 81 4.36 7.60 -6.63
N TRP C 82 4.82 7.31 -7.85
CA TRP C 82 4.30 6.20 -8.65
C TRP C 82 5.41 5.17 -8.77
N SER C 83 5.07 3.91 -8.52
CA SER C 83 6.03 2.82 -8.62
C SER C 83 5.45 1.77 -9.55
N GLY C 84 6.22 1.34 -10.54
CA GLY C 84 5.70 0.33 -11.44
C GLY C 84 6.66 -0.14 -12.52
N GLN C 85 6.10 -0.63 -13.61
CA GLN C 85 6.94 -1.10 -14.70
C GLN C 85 6.35 -0.82 -16.08
N TYR C 86 7.24 -0.59 -17.04
CA TYR C 86 6.85 -0.32 -18.40
C TYR C 86 6.84 -1.64 -19.16
N VAL C 87 5.82 -1.85 -20.00
CA VAL C 87 5.72 -3.06 -20.79
C VAL C 87 5.47 -2.62 -22.23
N GLY C 88 6.43 -2.92 -23.11
CA GLY C 88 6.31 -2.52 -24.50
C GLY C 88 5.44 -3.41 -25.37
N GLY C 89 5.37 -3.06 -26.66
CA GLY C 89 4.57 -3.84 -27.59
C GLY C 89 3.54 -3.01 -28.33
N ALA C 90 2.77 -3.66 -29.20
CA ALA C 90 1.75 -2.98 -29.98
C ALA C 90 0.93 -2.05 -29.09
N GLU C 91 0.62 -2.53 -27.88
CA GLU C 91 -0.14 -1.77 -26.91
C GLU C 91 0.72 -1.58 -25.66
N ALA C 92 1.71 -0.70 -25.77
CA ALA C 92 2.61 -0.43 -24.65
C ALA C 92 1.82 0.15 -23.50
N ARG C 93 2.33 -0.05 -22.28
CA ARG C 93 1.67 0.49 -21.11
C ARG C 93 2.61 0.53 -19.91
N ILE C 94 2.29 1.41 -18.97
CA ILE C 94 3.05 1.55 -17.74
C ILE C 94 2.05 1.27 -16.64
N ASN C 95 2.25 0.18 -15.92
CA ASN C 95 1.34 -0.22 -14.84
C ASN C 95 1.94 0.26 -13.52
N THR C 96 1.15 0.99 -12.74
CA THR C 96 1.66 1.51 -11.48
C THR C 96 0.74 1.43 -10.28
N GLN C 97 1.34 1.72 -9.13
CA GLN C 97 0.65 1.81 -7.86
C GLN C 97 1.27 3.09 -7.33
N TRP C 98 0.49 3.87 -6.60
CA TRP C 98 1.00 5.13 -6.08
C TRP C 98 0.64 5.39 -4.64
N LEU C 99 1.37 6.32 -4.04
CA LEU C 99 1.19 6.75 -2.66
C LEU C 99 1.16 8.26 -2.65
N LEU C 100 0.10 8.83 -2.08
CA LEU C 100 -0.07 10.27 -2.01
C LEU C 100 -0.04 10.68 -0.53
N THR C 101 0.99 11.42 -0.13
CA THR C 101 1.12 11.86 1.25
C THR C 101 0.93 13.37 1.36
N SER C 102 0.13 13.79 2.33
CA SER C 102 -0.12 15.20 2.56
C SER C 102 0.61 15.63 3.82
N GLY C 103 1.05 16.89 3.85
CA GLY C 103 1.72 17.38 5.04
C GLY C 103 0.65 17.49 6.10
N THR C 104 0.84 16.86 7.25
CA THR C 104 -0.16 16.91 8.31
C THR C 104 0.45 17.26 9.66
N THR C 105 -0.41 17.58 10.62
CA THR C 105 0.03 17.86 11.98
C THR C 105 0.29 16.45 12.52
N GLU C 106 0.91 16.34 13.69
CA GLU C 106 1.20 15.03 14.25
C GLU C 106 -0.03 14.19 14.58
N ALA C 107 -1.09 14.86 15.02
CA ALA C 107 -2.32 14.18 15.38
C ALA C 107 -3.00 13.46 14.20
N ASN C 108 -2.84 14.03 13.00
CA ASN C 108 -3.47 13.46 11.81
C ASN C 108 -2.50 12.66 10.92
N ALA C 109 -1.26 12.50 11.37
CA ALA C 109 -0.26 11.75 10.60
C ALA C 109 -0.70 10.35 10.20
N TRP C 110 -1.46 9.70 11.08
CA TRP C 110 -1.92 8.34 10.82
C TRP C 110 -2.77 8.21 9.55
N LYS C 111 -3.41 9.31 9.14
CA LYS C 111 -4.24 9.29 7.93
C LYS C 111 -3.67 10.23 6.87
N SER C 112 -2.35 10.28 6.76
CA SER C 112 -1.70 11.16 5.81
C SER C 112 -1.44 10.57 4.43
N THR C 113 -1.56 9.26 4.29
CA THR C 113 -1.24 8.62 3.01
C THR C 113 -2.32 7.81 2.31
N LEU C 114 -2.59 8.16 1.05
CA LEU C 114 -3.57 7.47 0.23
C LEU C 114 -2.83 6.51 -0.69
N VAL C 115 -3.50 5.45 -1.11
CA VAL C 115 -2.89 4.48 -2.02
C VAL C 115 -3.86 4.14 -3.14
N GLY C 116 -3.33 4.01 -4.35
CA GLY C 116 -4.17 3.68 -5.49
C GLY C 116 -3.33 3.06 -6.59
N HIS C 117 -3.92 2.92 -7.77
CA HIS C 117 -3.23 2.34 -8.92
C HIS C 117 -3.63 3.14 -10.17
N ASP C 118 -2.69 3.25 -11.10
CA ASP C 118 -2.88 3.98 -12.36
C ASP C 118 -2.28 3.15 -13.49
N THR C 119 -2.93 3.19 -14.66
CA THR C 119 -2.44 2.50 -15.83
C THR C 119 -2.37 3.55 -16.94
N PHE C 120 -1.18 3.73 -17.51
CA PHE C 120 -0.98 4.70 -18.58
C PHE C 120 -0.73 4.01 -19.92
N THR C 121 -1.27 4.58 -20.99
CA THR C 121 -1.07 4.05 -22.33
C THR C 121 -0.64 5.17 -23.26
N LYS C 122 -0.18 4.83 -24.46
CA LYS C 122 0.27 5.84 -25.41
C LYS C 122 -0.86 6.48 -26.18
N VAL C 123 -2.07 5.94 -26.04
CA VAL C 123 -3.24 6.47 -26.74
C VAL C 123 -4.26 6.99 -25.74
N LYS C 124 -4.88 8.13 -26.03
CA LYS C 124 -5.90 8.66 -25.13
C LYS C 124 -6.96 7.60 -24.88
N PRO C 125 -7.62 7.63 -23.72
CA PRO C 125 -8.65 6.64 -23.40
C PRO C 125 -9.91 6.80 -24.27
N ALA D 3 11.83 24.10 5.02
CA ALA D 3 13.02 23.84 5.87
C ALA D 3 14.12 23.13 5.08
N GLU D 4 14.50 23.75 3.95
CA GLU D 4 15.55 23.21 3.09
C GLU D 4 16.76 22.81 3.93
N ALA D 5 17.07 23.66 4.91
CA ALA D 5 18.20 23.42 5.80
C ALA D 5 17.91 22.19 6.65
N GLY D 6 16.65 22.02 7.03
CA GLY D 6 16.25 20.89 7.84
C GLY D 6 16.44 19.55 7.14
N ILE D 7 16.02 19.46 5.89
CA ILE D 7 16.13 18.22 5.12
C ILE D 7 17.54 17.83 4.65
N THR D 8 18.28 18.80 4.11
CA THR D 8 19.63 18.55 3.63
C THR D 8 20.50 17.92 4.72
N GLY D 9 21.20 16.84 4.36
CA GLY D 9 22.06 16.17 5.32
C GLY D 9 22.00 14.65 5.21
N THR D 10 22.57 13.96 6.19
CA THR D 10 22.60 12.51 6.20
C THR D 10 21.53 11.96 7.13
N TRP D 11 20.81 10.94 6.67
CA TRP D 11 19.75 10.31 7.46
C TRP D 11 19.94 8.79 7.48
N TYR D 12 19.45 8.16 8.55
CA TYR D 12 19.58 6.71 8.72
C TYR D 12 18.22 6.10 9.02
N ASN D 13 17.91 4.95 8.42
CA ASN D 13 16.64 4.30 8.72
C ASN D 13 16.85 3.20 9.75
N GLN D 14 15.78 2.47 10.05
CA GLN D 14 15.84 1.40 11.05
C GLN D 14 16.73 0.24 10.63
N LEU D 15 16.86 0.01 9.32
CA LEU D 15 17.69 -1.09 8.84
C LEU D 15 19.17 -0.75 8.70
N GLY D 16 19.54 0.49 8.97
CA GLY D 16 20.93 0.87 8.86
C GLY D 16 21.31 1.61 7.59
N SER D 17 20.49 1.50 6.55
CA SER D 17 20.77 2.18 5.28
C SER D 17 21.01 3.67 5.51
N THR D 18 21.78 4.29 4.62
CA THR D 18 22.11 5.71 4.72
C THR D 18 21.53 6.51 3.57
N PHE D 19 20.79 7.54 3.91
CA PHE D 19 20.13 8.42 2.95
C PHE D 19 20.80 9.78 2.98
N ILE D 20 21.58 10.07 1.94
CA ILE D 20 22.30 11.34 1.85
C ILE D 20 21.59 12.20 0.80
N VAL D 21 21.00 13.30 1.25
CA VAL D 21 20.23 14.15 0.36
C VAL D 21 20.49 15.65 0.47
N THR D 22 20.21 16.34 -0.63
CA THR D 22 20.33 17.78 -0.70
C THR D 22 19.00 18.31 -1.20
N ALA D 23 18.46 19.31 -0.51
CA ALA D 23 17.18 19.90 -0.89
C ALA D 23 17.40 21.21 -1.63
N GLY D 24 17.05 21.23 -2.92
CA GLY D 24 17.22 22.42 -3.73
C GLY D 24 16.17 23.47 -3.43
N ALA D 25 16.47 24.72 -3.78
CA ALA D 25 15.55 25.83 -3.51
C ALA D 25 14.21 25.72 -4.26
N ASP D 26 14.23 25.05 -5.41
CA ASP D 26 13.00 24.93 -6.19
C ASP D 26 12.21 23.64 -5.99
N GLY D 27 12.45 22.94 -4.89
CA GLY D 27 11.71 21.73 -4.60
C GLY D 27 12.33 20.42 -5.05
N ALA D 28 13.58 20.47 -5.51
CA ALA D 28 14.25 19.26 -5.96
C ALA D 28 14.99 18.54 -4.85
N LEU D 29 15.00 17.22 -4.93
CA LEU D 29 15.72 16.37 -3.99
C LEU D 29 16.72 15.57 -4.82
N THR D 30 18.00 15.63 -4.43
CA THR D 30 19.04 14.91 -5.13
C THR D 30 19.94 14.26 -4.09
N GLY D 31 20.49 13.10 -4.42
CA GLY D 31 21.37 12.46 -3.46
C GLY D 31 21.79 11.04 -3.81
N THR D 32 22.15 10.30 -2.77
CA THR D 32 22.61 8.93 -2.90
C THR D 32 22.03 8.10 -1.77
N TYR D 33 21.78 6.83 -2.06
CA TYR D 33 21.23 5.91 -1.07
C TYR D 33 22.26 4.79 -0.98
N GLU D 34 22.74 4.51 0.23
CA GLU D 34 23.73 3.46 0.41
C GLU D 34 23.55 2.68 1.70
N SER D 35 24.29 1.58 1.82
CA SER D 35 24.23 0.74 2.98
C SER D 35 25.08 1.38 4.07
N ALA D 36 25.01 0.84 5.27
CA ALA D 36 25.77 1.36 6.40
C ALA D 36 27.29 1.32 6.16
N VAL D 37 27.75 0.34 5.39
CA VAL D 37 29.18 0.23 5.12
C VAL D 37 29.69 1.38 4.25
N GLY D 38 28.86 1.82 3.31
CA GLY D 38 29.23 2.93 2.45
C GLY D 38 30.10 2.62 1.25
N ASN D 39 30.38 1.35 0.99
CA ASN D 39 31.21 1.02 -0.16
C ASN D 39 30.56 1.49 -1.45
N ALA D 40 31.38 1.78 -2.45
CA ALA D 40 30.87 2.28 -3.72
C ALA D 40 29.87 1.36 -4.43
N GLU D 41 30.07 0.05 -4.30
CA GLU D 41 29.19 -0.93 -4.95
C GLU D 41 27.77 -0.96 -4.39
N SER D 42 27.56 -0.30 -3.25
CA SER D 42 26.22 -0.29 -2.65
C SER D 42 25.60 1.10 -2.69
N ARG D 43 26.17 1.98 -3.51
CA ARG D 43 25.67 3.35 -3.64
C ARG D 43 24.80 3.52 -4.88
N TYR D 44 23.63 4.10 -4.69
CA TYR D 44 22.69 4.31 -5.78
C TYR D 44 22.16 5.74 -5.82
N VAL D 45 21.97 6.26 -7.03
CA VAL D 45 21.46 7.61 -7.23
C VAL D 45 19.97 7.73 -6.85
N LEU D 46 19.59 8.89 -6.34
CA LEU D 46 18.18 9.11 -6.00
C LEU D 46 17.78 10.50 -6.45
N THR D 47 16.51 10.65 -6.81
CA THR D 47 15.98 11.93 -7.22
C THR D 47 14.53 12.01 -6.73
N GLY D 48 14.11 13.21 -6.33
CA GLY D 48 12.76 13.37 -5.84
C GLY D 48 12.33 14.83 -5.80
N ARG D 49 11.19 15.07 -5.14
CA ARG D 49 10.62 16.40 -5.01
C ARG D 49 10.08 16.58 -3.60
N TYR D 50 9.94 17.83 -3.17
CA TYR D 50 9.38 18.14 -1.87
C TYR D 50 8.68 19.49 -1.91
N ASP D 51 7.76 19.70 -0.99
CA ASP D 51 7.02 20.95 -0.90
C ASP D 51 7.97 22.03 -0.39
N SER D 52 8.38 22.94 -1.29
CA SER D 52 9.32 23.97 -0.90
C SER D 52 8.69 25.17 -0.19
N ALA D 53 7.39 25.11 0.06
CA ALA D 53 6.72 26.20 0.76
C ALA D 53 5.64 25.61 1.64
N PRO D 54 6.03 24.81 2.63
CA PRO D 54 5.08 24.17 3.54
C PRO D 54 4.50 25.15 4.55
N ALA D 55 3.43 24.73 5.21
CA ALA D 55 2.79 25.54 6.23
C ALA D 55 3.80 25.67 7.37
N THR D 56 3.81 26.81 8.04
CA THR D 56 4.75 27.01 9.14
C THR D 56 4.00 26.95 10.47
N ASP D 57 2.94 26.14 10.52
CA ASP D 57 2.13 26.00 11.71
C ASP D 57 2.34 24.67 12.45
N GLY D 58 3.41 23.95 12.12
CA GLY D 58 3.64 22.69 12.79
C GLY D 58 3.32 21.46 11.95
N SER D 59 2.84 21.67 10.73
CA SER D 59 2.53 20.55 9.83
C SER D 59 3.83 20.07 9.18
N GLY D 60 3.86 18.82 8.75
CA GLY D 60 5.04 18.29 8.13
C GLY D 60 5.22 18.75 6.70
N THR D 61 6.41 18.48 6.15
CA THR D 61 6.74 18.83 4.78
C THR D 61 6.64 17.56 3.92
N ALA D 62 5.71 17.56 2.98
CA ALA D 62 5.51 16.40 2.10
C ALA D 62 6.64 16.26 1.10
N LEU D 63 7.00 15.02 0.80
CA LEU D 63 8.08 14.74 -0.14
C LEU D 63 8.07 13.30 -0.61
N GLY D 64 8.92 13.02 -1.59
CA GLY D 64 9.03 11.67 -2.11
C GLY D 64 10.28 11.57 -2.95
N TRP D 65 10.81 10.36 -3.11
CA TRP D 65 11.99 10.17 -3.94
C TRP D 65 12.01 8.75 -4.48
N THR D 66 12.81 8.56 -5.53
CA THR D 66 12.90 7.25 -6.17
C THR D 66 14.33 6.77 -6.32
N VAL D 67 14.53 5.47 -6.17
CA VAL D 67 15.84 4.86 -6.36
C VAL D 67 15.66 3.65 -7.28
N ALA D 68 16.35 3.67 -8.43
CA ALA D 68 16.30 2.54 -9.35
C ALA D 68 17.53 1.73 -8.94
N TRP D 69 17.34 0.47 -8.60
CA TRP D 69 18.43 -0.36 -8.11
C TRP D 69 19.45 -0.85 -9.14
N LYS D 70 20.09 0.11 -9.80
CA LYS D 70 21.13 -0.18 -10.79
C LYS D 70 22.26 0.84 -10.65
N ASN D 71 23.48 0.36 -10.49
CA ASN D 71 24.64 1.26 -10.43
C ASN D 71 25.68 0.68 -11.38
N ASN D 72 26.89 1.21 -11.40
CA ASN D 72 27.90 0.68 -12.32
C ASN D 72 28.33 -0.74 -12.00
N TYR D 73 27.99 -1.23 -10.80
CA TYR D 73 28.40 -2.57 -10.41
C TYR D 73 27.32 -3.65 -10.44
N ARG D 74 26.06 -3.26 -10.27
CA ARG D 74 24.97 -4.23 -10.26
C ARG D 74 23.63 -3.71 -10.72
N ASN D 75 22.70 -4.63 -10.97
CA ASN D 75 21.35 -4.29 -11.40
C ASN D 75 20.35 -5.31 -10.90
N ALA D 76 19.50 -4.89 -9.96
CA ALA D 76 18.49 -5.77 -9.38
C ALA D 76 17.15 -5.68 -10.11
N HIS D 77 17.13 -5.00 -11.26
CA HIS D 77 15.91 -4.87 -12.05
C HIS D 77 14.69 -4.52 -11.22
N SER D 78 14.79 -3.43 -10.48
CA SER D 78 13.69 -2.99 -9.63
C SER D 78 13.92 -1.55 -9.21
N ALA D 79 12.89 -0.96 -8.63
CA ALA D 79 12.98 0.43 -8.20
C ALA D 79 12.05 0.63 -7.02
N THR D 80 12.44 1.53 -6.13
CA THR D 80 11.64 1.80 -4.95
C THR D 80 11.32 3.28 -4.83
N THR D 81 10.10 3.59 -4.40
CA THR D 81 9.71 4.98 -4.21
C THR D 81 9.27 5.11 -2.75
N TRP D 82 9.72 6.18 -2.10
CA TRP D 82 9.39 6.50 -0.71
C TRP D 82 8.52 7.74 -0.74
N SER D 83 7.40 7.69 -0.03
CA SER D 83 6.48 8.80 0.04
C SER D 83 6.23 9.09 1.51
N GLY D 84 6.31 10.36 1.90
CA GLY D 84 6.07 10.69 3.30
C GLY D 84 6.26 12.14 3.64
N GLN D 85 6.63 12.43 4.88
CA GLN D 85 6.83 13.81 5.27
C GLN D 85 7.93 14.04 6.29
N TYR D 86 8.58 15.19 6.15
CA TYR D 86 9.66 15.60 7.03
C TYR D 86 9.08 16.38 8.20
N VAL D 87 9.48 16.02 9.41
CA VAL D 87 9.02 16.70 10.63
C VAL D 87 10.26 17.24 11.36
N GLY D 88 10.39 18.57 11.40
CA GLY D 88 11.53 19.18 12.07
C GLY D 88 11.46 19.17 13.58
N GLY D 89 12.41 19.85 14.23
CA GLY D 89 12.42 19.90 15.68
C GLY D 89 13.57 19.16 16.34
N ALA D 90 13.58 19.18 17.67
CA ALA D 90 14.63 18.52 18.46
C ALA D 90 14.91 17.10 17.98
N GLU D 91 13.85 16.38 17.62
CA GLU D 91 14.00 15.01 17.13
C GLU D 91 13.41 14.90 15.73
N ALA D 92 14.07 15.55 14.78
CA ALA D 92 13.65 15.56 13.39
C ALA D 92 13.53 14.14 12.89
N ARG D 93 12.62 13.93 11.96
CA ARG D 93 12.43 12.59 11.39
C ARG D 93 11.67 12.69 10.09
N ILE D 94 11.87 11.69 9.24
CA ILE D 94 11.18 11.61 7.97
C ILE D 94 10.41 10.29 8.02
N ASN D 95 9.09 10.39 8.09
CA ASN D 95 8.24 9.21 8.16
C ASN D 95 7.79 8.86 6.74
N THR D 96 8.01 7.62 6.33
CA THR D 96 7.63 7.21 4.99
C THR D 96 7.00 5.83 4.88
N GLN D 97 6.38 5.61 3.72
CA GLN D 97 5.80 4.31 3.36
C GLN D 97 6.46 4.15 1.99
N TRP D 98 6.79 2.92 1.61
CA TRP D 98 7.44 2.73 0.31
C TRP D 98 6.85 1.60 -0.52
N LEU D 99 7.14 1.65 -1.83
CA LEU D 99 6.69 0.65 -2.79
C LEU D 99 7.90 0.19 -3.60
N LEU D 100 8.11 -1.12 -3.63
CA LEU D 100 9.24 -1.70 -4.36
C LEU D 100 8.68 -2.56 -5.49
N THR D 101 8.90 -2.14 -6.74
CA THR D 101 8.42 -2.89 -7.90
C THR D 101 9.59 -3.55 -8.64
N SER D 102 9.41 -4.82 -9.00
CA SER D 102 10.42 -5.58 -9.73
C SER D 102 9.92 -5.79 -11.15
N GLY D 103 10.83 -5.80 -12.11
CA GLY D 103 10.42 -6.04 -13.49
C GLY D 103 10.06 -7.51 -13.56
N THR D 104 8.84 -7.80 -14.02
CA THR D 104 8.38 -9.19 -14.11
C THR D 104 7.76 -9.49 -15.45
N THR D 105 7.51 -10.79 -15.70
CA THR D 105 6.85 -11.22 -16.92
C THR D 105 5.37 -10.94 -16.66
N GLU D 106 4.55 -10.99 -17.70
CA GLU D 106 3.13 -10.72 -17.56
C GLU D 106 2.46 -11.67 -16.56
N ALA D 107 2.97 -12.89 -16.48
CA ALA D 107 2.43 -13.89 -15.57
C ALA D 107 2.67 -13.57 -14.10
N ASN D 108 3.82 -12.98 -13.78
CA ASN D 108 4.15 -12.66 -12.39
C ASN D 108 3.84 -11.22 -11.96
N ALA D 109 3.23 -10.44 -12.85
CA ALA D 109 2.90 -9.04 -12.56
C ALA D 109 2.06 -8.82 -11.31
N TRP D 110 1.15 -9.76 -11.02
CA TRP D 110 0.30 -9.60 -9.85
C TRP D 110 1.12 -9.50 -8.56
N LYS D 111 2.29 -10.15 -8.54
CA LYS D 111 3.16 -10.13 -7.36
C LYS D 111 4.44 -9.31 -7.57
N SER D 112 4.35 -8.24 -8.35
CA SER D 112 5.52 -7.42 -8.64
C SER D 112 5.87 -6.37 -7.60
N THR D 113 4.91 -5.98 -6.77
CA THR D 113 5.12 -4.89 -5.83
C THR D 113 5.04 -5.16 -4.32
N LEU D 114 6.10 -4.81 -3.61
CA LEU D 114 6.17 -4.97 -2.16
C LEU D 114 5.89 -3.60 -1.51
N VAL D 115 5.33 -3.61 -0.30
CA VAL D 115 5.04 -2.35 0.40
C VAL D 115 5.57 -2.41 1.83
N GLY D 116 6.08 -1.28 2.31
CA GLY D 116 6.60 -1.24 3.66
C GLY D 116 6.65 0.18 4.17
N HIS D 117 7.38 0.39 5.27
CA HIS D 117 7.52 1.71 5.85
C HIS D 117 8.89 1.89 6.48
N ASP D 118 9.43 3.11 6.39
CA ASP D 118 10.72 3.44 6.95
C ASP D 118 10.64 4.74 7.73
N THR D 119 11.40 4.81 8.82
CA THR D 119 11.47 6.04 9.61
C THR D 119 12.95 6.43 9.59
N PHE D 120 13.26 7.62 9.09
CA PHE D 120 14.65 8.06 9.03
C PHE D 120 14.91 9.09 10.12
N THR D 121 16.10 9.01 10.73
CA THR D 121 16.49 9.94 11.78
C THR D 121 17.91 10.47 11.53
N LYS D 122 18.29 11.52 12.26
CA LYS D 122 19.60 12.13 12.09
C LYS D 122 20.74 11.37 12.78
N VAL D 123 20.41 10.44 13.68
CA VAL D 123 21.43 9.65 14.38
C VAL D 123 21.15 8.17 14.17
N LYS D 124 22.21 7.37 14.05
CA LYS D 124 22.05 5.92 13.84
C LYS D 124 21.13 5.28 14.88
N PRO D 125 20.28 4.35 14.45
CA PRO D 125 19.34 3.68 15.35
C PRO D 125 20.04 2.83 16.40
N CYS E 1 2.57 -19.87 -11.94
CA CYS E 1 1.92 -19.54 -10.63
C CYS E 1 2.16 -20.64 -9.60
N CYS E 2 2.76 -20.27 -8.47
CA CYS E 2 3.04 -21.22 -7.40
C CYS E 2 2.44 -20.82 -6.05
N HIS E 3 1.45 -19.93 -6.10
CA HIS E 3 0.75 -19.49 -4.90
C HIS E 3 -0.74 -19.56 -5.17
N PRO E 4 -1.52 -20.08 -4.21
CA PRO E 4 -2.98 -20.22 -4.31
C PRO E 4 -3.74 -19.00 -4.80
N GLN E 5 -3.21 -17.80 -4.55
CA GLN E 5 -3.91 -16.58 -4.96
C GLN E 5 -4.01 -16.40 -6.47
N CYS E 6 -3.00 -16.85 -7.21
CA CYS E 6 -3.04 -16.73 -8.67
C CYS E 6 -3.68 -17.95 -9.33
N GLY E 7 -4.37 -18.76 -8.53
CA GLY E 7 -5.03 -19.95 -9.06
C GLY E 7 -4.20 -21.22 -9.05
N ALA E 8 -3.13 -21.21 -8.25
CA ALA E 8 -2.24 -22.37 -8.15
C ALA E 8 -2.99 -23.68 -7.87
N ALA E 9 -3.20 -24.47 -8.91
CA ALA E 9 -3.88 -25.75 -8.79
C ALA E 9 -2.93 -26.85 -9.24
N TYR E 10 -1.63 -26.54 -9.17
CA TYR E 10 -0.58 -27.48 -9.58
C TYR E 10 0.36 -27.80 -8.40
N SER E 11 1.47 -28.46 -8.72
CA SER E 11 2.46 -28.83 -7.69
C SER E 11 3.84 -28.27 -8.02
N CYS E 12 4.28 -27.30 -7.24
CA CYS E 12 5.58 -26.67 -7.44
C CYS E 12 6.64 -27.29 -6.52
N CYS F 1 -8.80 13.62 16.24
CA CYS F 1 -9.30 12.29 15.79
C CYS F 1 -10.82 12.18 15.89
N CYS F 2 -11.46 11.93 14.76
CA CYS F 2 -12.91 11.80 14.71
C CYS F 2 -13.31 10.41 14.21
N HIS F 3 -12.33 9.65 13.73
CA HIS F 3 -12.59 8.31 13.23
C HIS F 3 -12.33 7.27 14.31
N PRO F 4 -13.23 6.27 14.41
CA PRO F 4 -13.13 5.19 15.40
C PRO F 4 -11.79 4.44 15.44
N GLN F 5 -11.06 4.43 14.33
CA GLN F 5 -9.78 3.74 14.30
C GLN F 5 -8.73 4.36 15.21
N CYS F 6 -8.61 5.68 15.16
CA CYS F 6 -7.64 6.37 16.00
C CYS F 6 -8.17 6.48 17.44
N GLY F 7 -9.16 5.64 17.76
CA GLY F 7 -9.76 5.65 19.08
C GLY F 7 -10.56 6.89 19.38
N ALA F 8 -11.32 7.36 18.39
CA ALA F 8 -12.15 8.55 18.54
C ALA F 8 -13.33 8.34 19.47
N ALA F 9 -13.08 8.40 20.78
CA ALA F 9 -14.12 8.22 21.78
C ALA F 9 -14.90 9.51 21.95
N TYR F 10 -14.93 10.33 20.90
CA TYR F 10 -15.64 11.61 20.94
C TYR F 10 -16.63 11.70 19.78
N SER F 11 -17.45 12.74 19.81
CA SER F 11 -18.44 12.97 18.76
C SER F 11 -18.18 14.32 18.10
N CYS F 12 -17.69 14.29 16.87
CA CYS F 12 -17.39 15.51 16.12
C CYS F 12 -18.60 16.02 15.36
N CYS G 1 -13.57 16.72 -7.86
CA CYS G 1 -12.08 16.61 -7.82
C CYS G 1 -11.42 17.94 -7.48
N CYS G 2 -10.97 18.07 -6.23
CA CYS G 2 -10.32 19.29 -5.78
C CYS G 2 -8.83 19.09 -5.49
N HIS G 3 -8.21 18.14 -6.19
CA HIS G 3 -6.79 17.86 -6.03
C HIS G 3 -6.16 17.68 -7.41
N PRO G 4 -5.02 18.33 -7.65
CA PRO G 4 -4.27 18.26 -8.91
C PRO G 4 -4.12 16.87 -9.54
N GLN G 5 -4.08 15.84 -8.73
CA GLN G 5 -3.90 14.48 -9.26
C GLN G 5 -5.09 13.94 -10.04
N CYS G 6 -6.29 14.02 -9.47
CA CYS G 6 -7.49 13.55 -10.14
C CYS G 6 -7.84 14.40 -11.35
N GLY G 7 -6.82 14.95 -12.00
CA GLY G 7 -7.05 15.79 -13.17
C GLY G 7 -7.78 17.06 -12.80
N ALA G 8 -7.52 17.58 -11.60
CA ALA G 8 -8.15 18.80 -11.13
C ALA G 8 -8.07 19.88 -12.19
N ALA G 9 -8.99 20.85 -12.09
CA ALA G 9 -9.03 21.94 -13.04
C ALA G 9 -8.53 23.24 -12.41
N TYR G 10 -9.32 23.78 -11.50
CA TYR G 10 -8.98 25.03 -10.83
C TYR G 10 -8.81 24.85 -9.33
N SER G 11 -8.78 25.97 -8.62
CA SER G 11 -8.63 25.98 -7.17
C SER G 11 -9.90 25.48 -6.48
N CYS G 12 -9.91 25.57 -5.16
CA CYS G 12 -11.07 25.15 -4.36
C CYS G 12 -11.09 25.87 -3.02
N CYS H 1 19.82 -10.95 3.75
CA CYS H 1 19.53 -9.80 2.85
C CYS H 1 20.31 -9.87 1.54
N CYS H 2 19.60 -10.06 0.43
CA CYS H 2 20.25 -10.13 -0.87
C CYS H 2 19.75 -9.07 -1.85
N HIS H 3 19.18 -8.01 -1.31
CA HIS H 3 18.69 -6.91 -2.13
C HIS H 3 19.31 -5.63 -1.58
N PRO H 4 19.76 -4.74 -2.48
CA PRO H 4 20.38 -3.47 -2.10
C PRO H 4 19.61 -2.68 -1.04
N GLN H 5 18.28 -2.78 -1.06
CA GLN H 5 17.47 -2.03 -0.10
C GLN H 5 17.63 -2.39 1.37
N CYS H 6 17.78 -3.69 1.67
CA CYS H 6 17.94 -4.09 3.06
C CYS H 6 19.38 -3.94 3.55
N GLY H 7 20.23 -3.35 2.72
CA GLY H 7 21.61 -3.13 3.13
C GLY H 7 22.68 -4.02 2.52
N ALA H 8 22.34 -4.75 1.46
CA ALA H 8 23.31 -5.63 0.81
C ALA H 8 24.50 -4.83 0.30
N ALA H 9 25.66 -5.00 0.93
CA ALA H 9 26.87 -4.29 0.53
C ALA H 9 27.40 -4.81 -0.80
N TYR H 10 27.21 -6.11 -1.02
CA TYR H 10 27.66 -6.75 -2.26
C TYR H 10 26.61 -7.75 -2.70
N SER H 11 26.54 -7.99 -4.01
CA SER H 11 25.57 -8.95 -4.55
C SER H 11 25.85 -10.29 -3.86
N CYS H 12 24.78 -11.03 -3.55
CA CYS H 12 24.93 -12.33 -2.89
C CYS H 12 25.59 -13.39 -3.76
#